data_2P5H
#
_entry.id   2P5H
#
_cell.length_a   1.000
_cell.length_b   1.000
_cell.length_c   1.000
_cell.angle_alpha   90.00
_cell.angle_beta   90.00
_cell.angle_gamma   90.00
#
_symmetry.space_group_name_H-M   'P 1'
#
_entity_poly.entity_id   1
_entity_poly.type   'polypeptide(L)'
_entity_poly.pdbx_seq_one_letter_code
;VDIHVWDGV
;
_entity_poly.pdbx_strand_id   A
#
# COMPACT_ATOMS: atom_id res chain seq x y z
N VAL A 1 -6.21 9.64 -2.75
CA VAL A 1 -6.51 8.22 -2.83
C VAL A 1 -5.25 7.38 -2.61
N ASP A 2 -5.42 6.23 -1.97
CA ASP A 2 -4.30 5.33 -1.70
C ASP A 2 -4.32 4.13 -2.63
N ILE A 3 -3.40 4.12 -3.61
CA ILE A 3 -3.32 3.03 -4.57
C ILE A 3 -2.09 2.16 -4.30
N HIS A 4 -1.68 2.08 -3.04
CA HIS A 4 -0.52 1.28 -2.66
C HIS A 4 -0.77 0.55 -1.34
N VAL A 5 -0.67 -0.78 -1.38
CA VAL A 5 -0.89 -1.59 -0.20
C VAL A 5 0.20 -1.34 0.85
N TRP A 6 0.19 -2.14 1.91
CA TRP A 6 1.17 -2.00 2.97
C TRP A 6 2.51 -2.61 2.56
N ASP A 7 3.51 -1.75 2.35
CA ASP A 7 4.83 -2.20 1.96
C ASP A 7 5.38 -3.22 2.96
N GLY A 8 5.81 -4.36 2.44
CA GLY A 8 6.34 -5.41 3.30
C GLY A 8 5.25 -6.22 3.97
N VAL A 9 4.05 -6.19 3.40
CA VAL A 9 2.93 -6.94 3.95
C VAL A 9 2.16 -7.66 2.85
N VAL A 1 -6.60 7.45 -0.82
CA VAL A 1 -6.41 6.52 -1.92
C VAL A 1 -5.65 5.28 -1.47
N ASP A 2 -5.89 4.16 -2.15
CA ASP A 2 -5.24 2.91 -1.82
C ASP A 2 -4.41 2.40 -3.00
N ILE A 3 -3.72 3.30 -3.66
CA ILE A 3 -2.89 2.94 -4.81
C ILE A 3 -1.43 2.81 -4.42
N HIS A 4 -1.20 2.35 -3.19
CA HIS A 4 0.17 2.17 -2.68
C HIS A 4 0.16 1.43 -1.36
N VAL A 5 1.09 0.49 -1.20
CA VAL A 5 1.20 -0.29 0.02
C VAL A 5 2.59 -0.16 0.65
N TRP A 6 2.77 -0.81 1.79
CA TRP A 6 4.06 -0.77 2.50
C TRP A 6 4.40 -2.12 3.08
N ASP A 7 5.44 -2.75 2.56
CA ASP A 7 5.87 -4.06 3.04
C ASP A 7 4.79 -5.11 2.81
N GLY A 8 3.94 -4.87 1.81
CA GLY A 8 2.87 -5.81 1.51
C GLY A 8 1.67 -5.63 2.41
N VAL A 9 1.58 -4.47 3.05
CA VAL A 9 0.48 -4.18 3.95
C VAL A 9 -0.66 -3.46 3.22
N VAL A 1 -7.80 9.83 -3.61
CA VAL A 1 -7.06 8.93 -2.73
C VAL A 1 -5.88 8.30 -3.47
N ASP A 2 -5.11 7.50 -2.76
CA ASP A 2 -3.95 6.83 -3.35
C ASP A 2 -4.17 5.32 -3.39
N ILE A 3 -3.32 4.63 -4.14
CA ILE A 3 -3.41 3.18 -4.26
C ILE A 3 -2.38 2.48 -3.37
N HIS A 4 -2.21 2.99 -2.16
CA HIS A 4 -1.27 2.43 -1.21
C HIS A 4 -1.51 0.94 -1.02
N VAL A 5 -0.46 0.13 -1.16
CA VAL A 5 -0.57 -1.30 -1.00
C VAL A 5 0.04 -1.76 0.32
N TRP A 6 0.09 -3.08 0.51
CA TRP A 6 0.65 -3.65 1.73
C TRP A 6 2.15 -3.38 1.82
N ASP A 7 2.65 -3.15 3.03
CA ASP A 7 4.06 -2.89 3.24
C ASP A 7 4.92 -4.00 2.63
N GLY A 8 4.41 -5.22 2.67
CA GLY A 8 5.14 -6.35 2.12
C GLY A 8 5.83 -7.17 3.18
N VAL A 9 5.96 -6.60 4.38
CA VAL A 9 6.61 -7.29 5.49
C VAL A 9 5.58 -7.93 6.42
N VAL A 1 -8.38 5.97 -2.00
CA VAL A 1 -7.57 7.13 -1.65
C VAL A 1 -6.09 6.85 -1.80
N ASP A 2 -5.71 5.60 -1.60
CA ASP A 2 -4.31 5.19 -1.71
C ASP A 2 -4.16 4.06 -2.71
N ILE A 3 -3.46 4.34 -3.81
CA ILE A 3 -3.24 3.34 -4.85
C ILE A 3 -1.91 2.64 -4.67
N HIS A 4 -1.42 2.60 -3.43
CA HIS A 4 -0.15 1.96 -3.12
C HIS A 4 -0.17 1.34 -1.73
N VAL A 5 0.55 0.25 -1.55
CA VAL A 5 0.62 -0.43 -0.26
C VAL A 5 2.06 -0.67 0.16
N TRP A 6 2.29 -0.71 1.47
CA TRP A 6 3.63 -0.94 2.01
C TRP A 6 4.01 -2.41 1.91
N ASP A 7 5.30 -2.67 1.73
CA ASP A 7 5.80 -4.03 1.61
C ASP A 7 5.58 -4.80 2.90
N GLY A 8 4.76 -5.85 2.84
CA GLY A 8 4.48 -6.65 4.02
C GLY A 8 3.05 -6.49 4.49
N VAL A 9 2.38 -5.45 4.02
CA VAL A 9 1.00 -5.18 4.41
C VAL A 9 0.08 -5.19 3.19
N VAL A 1 -6.74 8.84 -0.36
CA VAL A 1 -6.37 7.43 -0.33
C VAL A 1 -5.32 7.11 -1.40
N ASP A 2 -4.84 5.88 -1.40
CA ASP A 2 -3.83 5.45 -2.36
C ASP A 2 -4.11 4.03 -2.84
N ILE A 3 -3.64 3.71 -4.05
CA ILE A 3 -3.83 2.38 -4.61
C ILE A 3 -2.52 1.62 -4.70
N HIS A 4 -1.73 1.67 -3.63
CA HIS A 4 -0.44 1.00 -3.58
C HIS A 4 -0.30 0.19 -2.29
N VAL A 5 0.05 -1.08 -2.43
CA VAL A 5 0.23 -1.95 -1.27
C VAL A 5 1.41 -1.51 -0.42
N TRP A 6 1.14 -1.16 0.83
CA TRP A 6 2.18 -0.72 1.74
C TRP A 6 3.21 -1.82 1.97
N ASP A 7 4.48 -1.49 1.79
CA ASP A 7 5.56 -2.45 1.98
C ASP A 7 5.46 -3.14 3.34
N GLY A 8 5.14 -4.43 3.33
CA GLY A 8 5.02 -5.17 4.57
C GLY A 8 3.58 -5.57 4.86
N VAL A 9 2.76 -5.64 3.81
CA VAL A 9 1.36 -6.01 3.96
C VAL A 9 1.10 -7.40 3.39
N VAL A 1 -6.96 7.74 -3.81
CA VAL A 1 -6.91 7.26 -5.19
C VAL A 1 -5.70 6.34 -5.40
N ASP A 2 -4.66 6.55 -4.60
CA ASP A 2 -3.45 5.75 -4.69
C ASP A 2 -3.17 5.02 -3.38
N ILE A 3 -4.23 4.58 -2.71
CA ILE A 3 -4.11 3.88 -1.45
C ILE A 3 -3.16 2.69 -1.57
N HIS A 4 -1.98 2.81 -0.96
CA HIS A 4 -0.99 1.75 -0.99
C HIS A 4 -0.90 1.03 0.35
N VAL A 5 -0.93 -0.29 0.31
CA VAL A 5 -0.86 -1.09 1.53
C VAL A 5 0.51 -0.93 2.21
N TRP A 6 0.74 -1.73 3.24
CA TRP A 6 2.00 -1.69 3.97
C TRP A 6 3.10 -2.40 3.21
N ASP A 7 4.29 -1.80 3.21
CA ASP A 7 5.44 -2.38 2.51
C ASP A 7 5.75 -3.78 3.06
N GLY A 8 5.74 -4.77 2.17
CA GLY A 8 6.03 -6.13 2.57
C GLY A 8 4.80 -7.01 2.56
N VAL A 9 3.79 -6.60 1.79
CA VAL A 9 2.55 -7.36 1.69
C VAL A 9 2.26 -7.74 0.25
N VAL A 1 -7.60 8.04 -3.83
CA VAL A 1 -6.53 9.03 -3.73
C VAL A 1 -5.25 8.39 -3.19
N ASP A 2 -5.41 7.33 -2.41
CA ASP A 2 -4.27 6.63 -1.83
C ASP A 2 -4.41 5.12 -2.01
N ILE A 3 -4.01 4.62 -3.17
CA ILE A 3 -4.09 3.19 -3.46
C ILE A 3 -2.76 2.51 -3.23
N HIS A 4 -1.98 3.03 -2.28
CA HIS A 4 -0.67 2.46 -1.97
C HIS A 4 -0.79 0.99 -1.61
N VAL A 5 0.11 0.17 -2.16
CA VAL A 5 0.10 -1.26 -1.90
C VAL A 5 0.43 -1.55 -0.44
N TRP A 6 0.61 -2.83 -0.12
CA TRP A 6 0.93 -3.24 1.24
C TRP A 6 2.42 -3.09 1.52
N ASP A 7 2.77 -2.77 2.76
CA ASP A 7 4.15 -2.60 3.15
C ASP A 7 4.99 -3.81 2.74
N GLY A 8 4.37 -4.98 2.76
CA GLY A 8 5.06 -6.20 2.39
C GLY A 8 5.61 -6.94 3.60
N VAL A 9 5.06 -6.65 4.77
CA VAL A 9 5.49 -7.29 6.00
C VAL A 9 4.67 -8.55 6.30
N VAL A 1 -6.29 8.50 -3.01
CA VAL A 1 -5.94 8.33 -1.60
C VAL A 1 -5.08 7.08 -1.40
N ASP A 2 -5.64 5.93 -1.69
CA ASP A 2 -4.92 4.67 -1.53
C ASP A 2 -4.40 4.16 -2.88
N ILE A 3 -3.39 4.84 -3.40
CA ILE A 3 -2.80 4.47 -4.69
C ILE A 3 -1.56 3.60 -4.48
N HIS A 4 -1.61 2.74 -3.48
CA HIS A 4 -0.49 1.84 -3.19
C HIS A 4 -0.87 0.83 -2.11
N VAL A 5 -0.69 -0.45 -2.41
CA VAL A 5 -1.01 -1.51 -1.47
C VAL A 5 -0.10 -1.47 -0.26
N TRP A 6 -0.20 -2.48 0.60
CA TRP A 6 0.62 -2.55 1.81
C TRP A 6 2.07 -2.91 1.46
N ASP A 7 3.01 -2.36 2.22
CA ASP A 7 4.42 -2.62 2.00
C ASP A 7 4.70 -4.11 1.94
N GLY A 8 3.92 -4.89 2.70
CA GLY A 8 4.10 -6.32 2.72
C GLY A 8 4.99 -6.78 3.86
N VAL A 9 5.12 -5.95 4.89
CA VAL A 9 5.94 -6.27 6.04
C VAL A 9 5.09 -6.62 7.25
N VAL A 1 -7.90 9.70 -4.52
CA VAL A 1 -7.79 8.58 -3.60
C VAL A 1 -6.36 8.08 -3.51
N ASP A 2 -6.08 7.25 -2.51
CA ASP A 2 -4.76 6.70 -2.32
C ASP A 2 -4.81 5.17 -2.29
N ILE A 3 -3.83 4.54 -2.93
CA ILE A 3 -3.76 3.08 -2.98
C ILE A 3 -2.36 2.59 -2.65
N HIS A 4 -1.96 2.76 -1.40
CA HIS A 4 -0.65 2.33 -0.95
C HIS A 4 -0.51 0.81 -1.04
N VAL A 5 0.48 0.35 -1.79
CA VAL A 5 0.71 -1.08 -1.96
C VAL A 5 1.16 -1.72 -0.65
N TRP A 6 1.54 -2.99 -0.71
CA TRP A 6 1.99 -3.72 0.47
C TRP A 6 3.40 -3.32 0.86
N ASP A 7 3.64 -3.19 2.16
CA ASP A 7 4.95 -2.81 2.67
C ASP A 7 5.68 -4.02 3.25
N GLY A 8 5.39 -5.19 2.70
CA GLY A 8 6.03 -6.41 3.18
C GLY A 8 5.39 -6.94 4.44
N VAL A 9 4.13 -6.56 4.66
CA VAL A 9 3.39 -7.01 5.84
C VAL A 9 1.91 -7.20 5.52
N VAL A 1 -6.21 7.79 -4.34
CA VAL A 1 -4.89 8.30 -4.01
C VAL A 1 -4.14 7.34 -3.10
N ASP A 2 -4.88 6.60 -2.28
CA ASP A 2 -4.28 5.64 -1.37
C ASP A 2 -4.50 4.21 -1.85
N ILE A 3 -4.00 3.92 -3.05
CA ILE A 3 -4.15 2.59 -3.63
C ILE A 3 -2.87 1.77 -3.47
N HIS A 4 -2.11 2.08 -2.42
CA HIS A 4 -0.87 1.38 -2.15
C HIS A 4 -1.01 0.47 -0.93
N VAL A 5 -0.61 -0.79 -1.10
CA VAL A 5 -0.69 -1.76 -0.01
C VAL A 5 0.25 -1.39 1.13
N TRP A 6 0.36 -2.29 2.10
CA TRP A 6 1.24 -2.06 3.25
C TRP A 6 2.69 -2.37 2.90
N ASP A 7 3.60 -1.53 3.38
CA ASP A 7 5.03 -1.71 3.13
C ASP A 7 5.48 -3.10 3.55
N GLY A 8 5.71 -3.97 2.57
CA GLY A 8 6.15 -5.32 2.86
C GLY A 8 4.99 -6.29 2.97
N VAL A 9 3.87 -5.95 2.36
CA VAL A 9 2.68 -6.79 2.40
C VAL A 9 2.11 -6.99 0.99
N VAL A 1 -6.04 8.48 -1.47
CA VAL A 1 -5.32 8.63 -2.72
C VAL A 1 -4.46 7.40 -3.00
N ASP A 2 -3.61 7.05 -2.04
CA ASP A 2 -2.72 5.90 -2.19
C ASP A 2 -3.54 4.63 -2.48
N ILE A 3 -3.48 4.17 -3.73
CA ILE A 3 -4.20 2.97 -4.13
C ILE A 3 -3.29 1.75 -4.10
N HIS A 4 -2.34 1.75 -3.18
CA HIS A 4 -1.40 0.64 -3.04
C HIS A 4 -1.59 -0.08 -1.71
N VAL A 5 -1.24 -1.36 -1.67
CA VAL A 5 -1.37 -2.15 -0.46
C VAL A 5 -0.44 -1.65 0.63
N TRP A 6 -0.37 -2.40 1.73
CA TRP A 6 0.50 -2.03 2.85
C TRP A 6 1.95 -2.43 2.57
N ASP A 7 2.83 -1.43 2.52
CA ASP A 7 4.24 -1.68 2.27
C ASP A 7 4.86 -2.51 3.39
N GLY A 8 5.51 -3.60 3.01
CA GLY A 8 6.14 -4.47 3.99
C GLY A 8 5.39 -5.78 4.17
N VAL A 9 4.62 -6.16 3.16
CA VAL A 9 3.84 -7.39 3.20
C VAL A 9 4.49 -8.48 2.36
N VAL A 1 -5.46 8.80 -0.32
CA VAL A 1 -5.53 8.16 -1.64
C VAL A 1 -5.13 6.70 -1.56
N ASP A 2 -5.92 5.83 -2.20
CA ASP A 2 -5.65 4.40 -2.21
C ASP A 2 -5.00 3.98 -3.52
N ILE A 3 -3.78 4.47 -3.76
CA ILE A 3 -3.06 4.15 -4.98
C ILE A 3 -1.71 3.51 -4.66
N HIS A 4 -1.65 2.78 -3.55
CA HIS A 4 -0.43 2.11 -3.13
C HIS A 4 -0.74 0.96 -2.17
N VAL A 5 -0.34 -0.25 -2.56
CA VAL A 5 -0.57 -1.43 -1.73
C VAL A 5 0.22 -1.35 -0.44
N TRP A 6 0.20 -2.45 0.33
CA TRP A 6 0.92 -2.50 1.60
C TRP A 6 2.40 -2.82 1.37
N ASP A 7 3.25 -2.28 2.23
CA ASP A 7 4.69 -2.51 2.13
C ASP A 7 5.00 -4.00 2.06
N GLY A 8 4.18 -4.80 2.74
CA GLY A 8 4.38 -6.23 2.74
C GLY A 8 4.92 -6.74 4.07
N VAL A 9 4.68 -5.98 5.13
CA VAL A 9 5.15 -6.36 6.47
C VAL A 9 3.99 -6.40 7.46
N VAL A 1 -6.14 9.22 -3.29
CA VAL A 1 -5.40 9.05 -4.53
C VAL A 1 -4.75 7.67 -4.60
N ASP A 2 -3.82 7.42 -3.68
CA ASP A 2 -3.13 6.14 -3.64
C ASP A 2 -3.72 5.23 -2.55
N ILE A 3 -4.02 3.99 -2.92
CA ILE A 3 -4.59 3.04 -1.97
C ILE A 3 -3.78 1.74 -1.94
N HIS A 4 -2.47 1.87 -2.15
CA HIS A 4 -1.58 0.71 -2.14
C HIS A 4 -1.68 -0.04 -0.82
N VAL A 5 -1.34 -1.33 -0.85
CA VAL A 5 -1.40 -2.16 0.35
C VAL A 5 -0.37 -1.70 1.38
N TRP A 6 -0.22 -2.48 2.44
CA TRP A 6 0.73 -2.15 3.51
C TRP A 6 2.14 -2.52 3.09
N ASP A 7 3.09 -1.63 3.38
CA ASP A 7 4.49 -1.85 3.04
C ASP A 7 5.04 -3.05 3.78
N GLY A 8 5.74 -3.92 3.05
CA GLY A 8 6.31 -5.10 3.67
C GLY A 8 5.61 -6.38 3.23
N VAL A 9 4.97 -6.34 2.07
CA VAL A 9 4.25 -7.49 1.55
C VAL A 9 5.04 -8.16 0.43
N VAL A 1 -7.00 8.59 -0.12
CA VAL A 1 -6.96 7.55 -1.14
C VAL A 1 -5.59 6.89 -1.20
N ASP A 2 -5.58 5.59 -1.52
CA ASP A 2 -4.34 4.84 -1.61
C ASP A 2 -4.03 4.49 -3.06
N ILE A 3 -2.77 4.70 -3.46
CA ILE A 3 -2.34 4.40 -4.83
C ILE A 3 -1.25 3.35 -4.83
N HIS A 4 -1.23 2.51 -3.80
CA HIS A 4 -0.23 1.44 -3.70
C HIS A 4 -0.58 0.49 -2.56
N VAL A 5 -0.51 -0.81 -2.86
CA VAL A 5 -0.83 -1.83 -1.86
C VAL A 5 0.20 -1.83 -0.73
N TRP A 6 0.10 -2.83 0.14
CA TRP A 6 1.02 -2.94 1.28
C TRP A 6 2.38 -3.43 0.82
N ASP A 7 3.43 -2.97 1.49
CA ASP A 7 4.79 -3.37 1.16
C ASP A 7 5.37 -4.29 2.22
N GLY A 8 4.59 -5.30 2.60
CA GLY A 8 5.03 -6.24 3.61
C GLY A 8 4.90 -5.69 5.01
N VAL A 9 4.02 -4.72 5.19
CA VAL A 9 3.79 -4.11 6.49
C VAL A 9 2.58 -4.74 7.19
N VAL A 1 -7.47 7.68 -2.29
CA VAL A 1 -6.76 8.03 -1.08
C VAL A 1 -5.37 7.39 -1.04
N ASP A 2 -5.33 6.06 -1.19
CA ASP A 2 -4.08 5.34 -1.18
C ASP A 2 -4.03 4.32 -2.32
N ILE A 3 -3.31 4.65 -3.38
CA ILE A 3 -3.19 3.77 -4.53
C ILE A 3 -1.89 2.96 -4.48
N HIS A 4 -1.39 2.76 -3.26
CA HIS A 4 -0.16 1.99 -3.07
C HIS A 4 -0.45 0.66 -2.38
N VAL A 5 0.05 -0.42 -2.96
CA VAL A 5 -0.16 -1.75 -2.40
C VAL A 5 0.56 -1.90 -1.06
N TRP A 6 0.57 -3.12 -0.53
CA TRP A 6 1.22 -3.40 0.74
C TRP A 6 2.73 -3.41 0.59
N ASP A 7 3.42 -2.90 1.60
CA ASP A 7 4.88 -2.85 1.57
C ASP A 7 5.48 -3.88 2.53
N GLY A 8 4.75 -4.98 2.73
CA GLY A 8 5.22 -6.03 3.61
C GLY A 8 4.77 -5.82 5.04
N VAL A 9 3.72 -5.02 5.23
CA VAL A 9 3.19 -4.74 6.56
C VAL A 9 2.02 -5.65 6.88
N VAL A 1 -7.97 9.63 -3.47
CA VAL A 1 -7.27 8.66 -2.64
C VAL A 1 -5.99 8.18 -3.32
N ASP A 2 -5.09 7.60 -2.54
CA ASP A 2 -3.83 7.10 -3.07
C ASP A 2 -3.65 5.62 -2.73
N ILE A 3 -4.32 4.77 -3.49
CA ILE A 3 -4.23 3.33 -3.28
C ILE A 3 -2.79 2.85 -3.29
N HIS A 4 -2.27 2.53 -2.10
CA HIS A 4 -0.90 2.07 -1.97
C HIS A 4 -0.86 0.57 -1.69
N VAL A 5 0.17 -0.10 -2.20
CA VAL A 5 0.33 -1.54 -2.00
C VAL A 5 0.58 -1.87 -0.55
N TRP A 6 0.89 -3.14 -0.27
CA TRP A 6 1.16 -3.58 1.09
C TRP A 6 2.60 -3.27 1.49
N ASP A 7 2.79 -2.92 2.76
CA ASP A 7 4.12 -2.59 3.28
C ASP A 7 5.11 -3.70 2.95
N GLY A 8 4.62 -4.94 2.92
CA GLY A 8 5.48 -6.08 2.62
C GLY A 8 5.86 -6.86 3.86
N VAL A 9 5.04 -6.75 4.89
CA VAL A 9 5.29 -7.46 6.15
C VAL A 9 4.12 -8.36 6.52
N VAL A 1 -5.92 8.55 -2.84
CA VAL A 1 -4.57 8.88 -2.38
C VAL A 1 -3.58 7.80 -2.78
N ASP A 2 -4.00 6.55 -2.70
CA ASP A 2 -3.14 5.42 -3.07
C ASP A 2 -3.97 4.23 -3.52
N ILE A 3 -3.30 3.23 -4.07
CA ILE A 3 -3.98 2.03 -4.55
C ILE A 3 -3.26 0.77 -4.07
N HIS A 4 -2.72 0.83 -2.86
CA HIS A 4 -2.00 -0.31 -2.29
C HIS A 4 -1.65 -0.05 -0.83
N VAL A 5 -1.96 -1.02 0.03
CA VAL A 5 -1.68 -0.90 1.45
C VAL A 5 -0.18 -0.86 1.72
N TRP A 6 0.19 -0.91 2.99
CA TRP A 6 1.60 -0.88 3.38
C TRP A 6 1.89 -1.94 4.44
N ASP A 7 2.60 -2.99 4.04
CA ASP A 7 2.95 -4.07 4.96
C ASP A 7 4.19 -4.81 4.46
N GLY A 8 5.02 -4.13 3.68
CA GLY A 8 6.22 -4.74 3.16
C GLY A 8 5.98 -5.46 1.84
N VAL A 9 4.92 -5.08 1.14
CA VAL A 9 4.58 -5.69 -0.14
C VAL A 9 4.74 -4.69 -1.28
N VAL A 1 -6.57 9.59 -1.22
CA VAL A 1 -6.55 8.52 -2.21
C VAL A 1 -5.25 7.73 -2.14
N ASP A 2 -5.35 6.41 -2.35
CA ASP A 2 -4.19 5.54 -2.30
C ASP A 2 -4.35 4.37 -3.27
N ILE A 3 -3.26 4.01 -3.94
CA ILE A 3 -3.28 2.90 -4.89
C ILE A 3 -2.13 1.94 -4.65
N HIS A 4 -1.70 1.85 -3.39
CA HIS A 4 -0.61 0.96 -3.02
C HIS A 4 -0.81 0.39 -1.62
N VAL A 5 -0.77 -0.93 -1.51
CA VAL A 5 -0.95 -1.61 -0.24
C VAL A 5 0.18 -1.29 0.73
N TRP A 6 0.20 -1.96 1.87
CA TRP A 6 1.24 -1.76 2.86
C TRP A 6 2.51 -2.49 2.49
N ASP A 7 3.56 -1.74 2.18
CA ASP A 7 4.85 -2.32 1.81
C ASP A 7 5.43 -3.14 2.95
N GLY A 8 5.71 -4.41 2.69
CA GLY A 8 6.27 -5.28 3.71
C GLY A 8 5.28 -6.33 4.17
N VAL A 9 4.00 -6.13 3.86
CA VAL A 9 2.95 -7.07 4.24
C VAL A 9 2.57 -7.97 3.08
N VAL A 1 -7.42 8.72 -1.89
CA VAL A 1 -7.15 8.51 -3.31
C VAL A 1 -5.93 7.62 -3.51
N ASP A 2 -4.97 7.71 -2.59
CA ASP A 2 -3.76 6.92 -2.66
C ASP A 2 -4.09 5.42 -2.66
N ILE A 3 -3.57 4.71 -3.65
CA ILE A 3 -3.81 3.28 -3.77
C ILE A 3 -2.54 2.48 -3.46
N HIS A 4 -1.79 2.93 -2.46
CA HIS A 4 -0.56 2.28 -2.06
C HIS A 4 -0.84 0.87 -1.54
N VAL A 5 -0.19 -0.12 -2.13
CA VAL A 5 -0.38 -1.52 -1.73
C VAL A 5 0.14 -1.74 -0.30
N TRP A 6 0.16 -3.01 0.11
CA TRP A 6 0.62 -3.36 1.45
C TRP A 6 2.14 -3.28 1.54
N ASP A 7 2.65 -2.89 2.69
CA ASP A 7 4.09 -2.77 2.90
C ASP A 7 4.79 -4.08 2.53
N GLY A 8 4.11 -5.20 2.76
CA GLY A 8 4.69 -6.49 2.44
C GLY A 8 5.37 -7.13 3.64
N VAL A 9 5.64 -6.33 4.66
CA VAL A 9 6.29 -6.81 5.87
C VAL A 9 5.30 -6.93 7.02
N VAL A 1 -7.05 7.49 -1.18
CA VAL A 1 -6.12 7.61 -0.06
C VAL A 1 -4.82 6.87 -0.36
N ASP A 2 -4.93 5.60 -0.72
CA ASP A 2 -3.76 4.79 -1.02
C ASP A 2 -3.80 4.30 -2.47
N ILE A 3 -2.71 4.54 -3.19
CA ILE A 3 -2.62 4.13 -4.59
C ILE A 3 -1.54 3.09 -4.79
N HIS A 4 -1.33 2.26 -3.78
CA HIS A 4 -0.32 1.21 -3.84
C HIS A 4 -0.67 0.05 -2.90
N VAL A 5 -0.32 -1.17 -3.31
CA VAL A 5 -0.59 -2.35 -2.51
C VAL A 5 0.20 -2.33 -1.21
N TRP A 6 0.14 -3.44 -0.48
CA TRP A 6 0.85 -3.55 0.79
C TRP A 6 2.33 -3.78 0.57
N ASP A 7 3.16 -3.01 1.28
CA ASP A 7 4.61 -3.14 1.15
C ASP A 7 5.19 -3.86 2.35
N GLY A 8 4.48 -4.87 2.84
CA GLY A 8 4.94 -5.64 3.98
C GLY A 8 4.43 -5.09 5.30
N VAL A 9 3.93 -3.85 5.27
CA VAL A 9 3.41 -3.21 6.46
C VAL A 9 1.92 -2.91 6.31
#